data_2EVI
#
_entry.id   2EVI
#
_cell.length_a   69.713
_cell.length_b   78.546
_cell.length_c   161.782
_cell.angle_alpha   90.00
_cell.angle_beta   90.00
_cell.angle_gamma   90.00
#
_symmetry.space_group_name_H-M   'C 2 2 21'
#
loop_
_entity.id
_entity.type
_entity.pdbx_description
1 polymer "5'-D(*TP*GP*CP*GP*AP*CP*AP*CP*AP*AP*TP*AP*AP*C)-3'"
2 polymer "5'-D(*AP*GP*TP*TP*AP*TP*TP*GP*TP*GP*TP*CP*GP*C)-3'"
3 polymer 'NDT80 protein'
4 water water
#
loop_
_entity_poly.entity_id
_entity_poly.type
_entity_poly.pdbx_seq_one_letter_code
_entity_poly.pdbx_strand_id
1 'polydeoxyribonucleotide' (DT)(DG)(DC)(DG)(DA)(DC)(DA)(DC)(DA)(DA)(DT)(DA)(DA)(DC) B
2 'polydeoxyribonucleotide' (DA)(DG)(DT)(DT)(DA)(DT)(DT)(DG)(DT)(DG)(DT)(DC)(DG)(DC) C
3 'polypeptide(L)'
;GPLGSMNEMENTDPVLQDDLVSKYERELSTEQEEDTPVILTQLNEDGTTSNYFDKRKLKIAPRSTLQFKVGPPFELVRDY
CPVVESHTGRTLDLRIIPRIDRGFDHIDEEWVGYKRNYFTLVSTFETANCDLDTFLKSSFDLLVEDSSVEGRLRVQYFAI
KIKAKNDDDDTEINLVQHTAKRDKGPQFCPSVCPLVPSPLPKHQTIREASNVRNITKMKKYDSTFYLHRDHVNYEEYGVD
SLLFSYPEDSIQKVARYERVQFASSISVKKPSQQNKHFSLHVILGAVVDPDTFHGENPGIPYDELALKNGSKGMFVYLQE
MKTPPLIIRGRSPSNYASSQRITVR
;
A
#
loop_
_chem_comp.id
_chem_comp.type
_chem_comp.name
_chem_comp.formula
DA DNA linking 2'-DEOXYADENOSINE-5'-MONOPHOSPHATE 'C10 H14 N5 O6 P'
DC DNA linking 2'-DEOXYCYTIDINE-5'-MONOPHOSPHATE 'C9 H14 N3 O7 P'
DG DNA linking 2'-DEOXYGUANOSINE-5'-MONOPHOSPHATE 'C10 H14 N5 O7 P'
DT DNA linking THYMIDINE-5'-MONOPHOSPHATE 'C10 H15 N2 O8 P'
#
# COMPACT_ATOMS: atom_id res chain seq x y z
N VAL C 38 4.78 30.25 1.27
CA VAL C 38 5.08 29.48 0.02
C VAL C 38 5.35 27.98 0.32
N ILE C 39 6.19 27.70 1.31
CA ILE C 39 6.43 26.32 1.78
C ILE C 39 6.00 26.23 3.23
N LEU C 40 5.06 25.32 3.51
CA LEU C 40 4.69 25.05 4.89
C LEU C 40 5.28 23.73 5.33
N THR C 41 5.97 23.78 6.46
CA THR C 41 6.77 22.68 6.93
C THR C 41 6.17 22.04 8.18
N GLN C 42 6.00 20.72 8.11
CA GLN C 42 5.57 19.90 9.25
C GLN C 42 6.66 18.89 9.59
N LEU C 43 6.89 18.67 10.87
CA LEU C 43 7.82 17.66 11.33
C LEU C 43 7.19 16.27 11.28
N ASN C 44 7.87 15.32 10.63
CA ASN C 44 7.40 13.93 10.58
C ASN C 44 7.78 13.20 11.86
N GLU C 45 7.27 11.99 12.01
CA GLU C 45 7.48 11.21 13.21
C GLU C 45 8.94 10.88 13.46
N ASP C 46 9.71 10.72 12.37
CA ASP C 46 11.14 10.36 12.47
C ASP C 46 12.07 11.59 12.40
N GLY C 47 11.51 12.79 12.43
CA GLY C 47 12.33 13.99 12.46
C GLY C 47 12.70 14.56 11.09
N THR C 48 12.30 13.87 10.03
CA THR C 48 12.37 14.48 8.69
C THR C 48 11.26 15.49 8.63
N THR C 49 11.23 16.29 7.56
CA THR C 49 10.14 17.24 7.36
C THR C 49 9.33 16.88 6.14
N SER C 50 8.08 17.30 6.19
CA SER C 50 7.23 17.34 5.03
C SER C 50 7.07 18.79 4.71
N ASN C 51 7.33 19.15 3.46
CA ASN C 51 7.32 20.51 2.98
C ASN C 51 6.24 20.65 1.93
N TYR C 52 5.12 21.23 2.33
CA TYR C 52 3.97 21.39 1.48
C TYR C 52 4.05 22.68 0.68
N PHE C 53 3.96 22.54 -0.64
CA PHE C 53 3.93 23.70 -1.51
C PHE C 53 2.99 23.44 -2.67
N ASP C 54 2.49 24.54 -3.22
CA ASP C 54 1.54 24.51 -4.32
C ASP C 54 2.31 24.64 -5.64
N LYS C 55 2.23 23.63 -6.49
CA LYS C 55 2.97 23.60 -7.75
C LYS C 55 2.43 24.63 -8.75
N ARG C 56 1.28 25.23 -8.46
CA ARG C 56 0.77 26.38 -9.22
C ARG C 56 1.59 27.63 -9.00
N LYS C 57 2.27 27.68 -7.86
CA LYS C 57 2.99 28.88 -7.42
C LYS C 57 4.51 28.67 -7.39
N LEU C 58 4.96 27.45 -7.13
CA LEU C 58 6.37 27.16 -6.92
C LEU C 58 6.77 25.88 -7.63
N LYS C 59 7.78 25.98 -8.48
CA LYS C 59 8.32 24.82 -9.15
C LYS C 59 9.63 24.43 -8.47
N ILE C 60 9.69 23.16 -8.10
CA ILE C 60 10.82 22.54 -7.45
C ILE C 60 11.31 21.41 -8.35
N ALA C 61 12.61 21.14 -8.31
CA ALA C 61 13.25 20.13 -9.14
C ALA C 61 12.63 18.75 -8.90
N PRO C 62 12.58 17.92 -9.93
CA PRO C 62 12.03 16.56 -9.79
C PRO C 62 12.62 15.70 -8.68
N ARG C 63 13.92 15.83 -8.41
CA ARG C 63 14.60 14.95 -7.47
C ARG C 63 14.91 15.65 -6.15
N SER C 64 14.42 16.86 -5.98
CA SER C 64 14.57 17.57 -4.70
C SER C 64 13.94 16.74 -3.60
N THR C 65 14.59 16.69 -2.44
CA THR C 65 14.01 16.03 -1.28
C THR C 65 12.69 16.67 -0.89
N LEU C 66 12.44 17.89 -1.34
CA LEU C 66 11.16 18.55 -1.08
C LEU C 66 9.98 17.85 -1.75
N GLN C 67 10.23 16.95 -2.71
CA GLN C 67 9.16 16.18 -3.34
C GLN C 67 8.70 15.01 -2.46
N PHE C 68 9.53 14.62 -1.49
CA PHE C 68 9.16 13.58 -0.56
C PHE C 68 8.47 14.25 0.63
N LYS C 69 7.28 13.76 0.95
CA LYS C 69 6.53 14.26 2.09
C LYS C 69 5.40 13.29 2.47
N VAL C 70 5.00 13.33 3.73
CA VAL C 70 3.95 12.46 4.22
C VAL C 70 2.60 13.00 3.76
N GLY C 71 1.77 12.11 3.24
CA GLY C 71 0.48 12.48 2.69
C GLY C 71 -0.60 12.38 3.76
N PRO C 72 -1.84 12.28 3.33
CA PRO C 72 -2.94 12.26 4.28
C PRO C 72 -2.92 11.02 5.19
N PRO C 73 -3.39 11.14 6.42
CA PRO C 73 -3.50 9.99 7.32
C PRO C 73 -4.63 9.08 6.84
N PHE C 74 -4.57 7.81 7.20
CA PHE C 74 -5.62 6.90 6.76
C PHE C 74 -6.54 6.68 7.95
N GLU C 75 -7.79 6.33 7.66
CA GLU C 75 -8.80 6.03 8.65
C GLU C 75 -9.43 4.66 8.36
N LEU C 76 -9.86 4.00 9.42
CA LEU C 76 -10.53 2.71 9.28
C LEU C 76 -11.85 2.87 8.54
N VAL C 77 -12.06 2.01 7.55
CA VAL C 77 -13.33 1.92 6.86
C VAL C 77 -14.16 0.89 7.57
N ARG C 78 -13.66 -0.34 7.64
CA ARG C 78 -14.26 -1.36 8.47
C ARG C 78 -13.40 -2.59 8.63
N ASP C 79 -13.81 -3.41 9.60
CA ASP C 79 -13.31 -4.77 9.72
C ASP C 79 -14.32 -5.71 9.12
N TYR C 80 -13.80 -6.78 8.55
CA TYR C 80 -14.60 -7.75 7.84
C TYR C 80 -14.50 -9.12 8.51
N CYS C 81 -13.87 -10.08 7.87
CA CYS C 81 -13.93 -11.45 8.36
C CYS C 81 -12.97 -11.68 9.55
N PRO C 82 -13.45 -12.23 10.66
CA PRO C 82 -12.56 -12.62 11.76
C PRO C 82 -11.61 -13.75 11.37
N VAL C 83 -10.42 -13.74 11.97
CA VAL C 83 -9.41 -14.76 11.74
C VAL C 83 -9.05 -15.33 13.09
N VAL C 84 -9.00 -16.66 13.20
CA VAL C 84 -8.66 -17.34 14.45
C VAL C 84 -7.51 -18.32 14.27
N GLU C 85 -6.70 -18.47 15.32
CA GLU C 85 -5.63 -19.47 15.32
C GLU C 85 -6.25 -20.87 15.43
N SER C 86 -5.73 -21.80 14.61
CA SER C 86 -6.23 -23.17 14.48
C SER C 86 -6.66 -24.00 15.67
N HIS C 87 -5.84 -24.02 16.72
CA HIS C 87 -6.15 -24.85 17.90
C HIS C 87 -6.61 -24.08 19.11
N THR C 88 -5.92 -22.98 19.38
CA THR C 88 -6.21 -22.12 20.53
C THR C 88 -7.53 -21.39 20.34
N GLY C 89 -7.91 -21.16 19.08
CA GLY C 89 -9.16 -20.49 18.75
C GLY C 89 -9.10 -18.98 18.99
N ARG C 90 -7.93 -18.50 19.43
CA ARG C 90 -7.71 -17.08 19.72
C ARG C 90 -7.92 -16.23 18.46
N THR C 91 -8.66 -15.15 18.59
CA THR C 91 -8.87 -14.22 17.48
C THR C 91 -7.61 -13.41 17.25
N LEU C 92 -7.22 -13.32 16.00
CA LEU C 92 -6.06 -12.55 15.61
C LEU C 92 -6.47 -11.08 15.46
N ASP C 93 -5.83 -10.19 16.23
CA ASP C 93 -6.06 -8.76 16.14
C ASP C 93 -5.20 -8.20 15.02
N LEU C 94 -5.81 -7.51 14.07
CA LEU C 94 -5.08 -7.06 12.90
C LEU C 94 -5.20 -5.56 12.78
N ARG C 95 -4.16 -4.93 12.24
CA ARG C 95 -4.15 -3.49 12.01
C ARG C 95 -3.30 -3.20 10.82
N ILE C 96 -3.89 -2.56 9.82
CA ILE C 96 -3.14 -2.00 8.70
C ILE C 96 -2.36 -0.78 9.15
N ILE C 97 -1.13 -0.63 8.67
CA ILE C 97 -0.28 0.50 9.03
C ILE C 97 0.21 1.12 7.72
N PRO C 98 -0.55 2.04 7.14
CA PRO C 98 -0.24 2.65 5.84
C PRO C 98 0.27 4.08 5.95
N ARG C 99 0.97 4.52 4.91
CA ARG C 99 1.44 5.91 4.81
C ARG C 99 1.68 6.25 3.36
N ILE C 100 1.44 7.52 3.01
CA ILE C 100 1.83 8.02 1.72
C ILE C 100 3.11 8.84 1.94
N ASP C 101 4.12 8.62 1.09
CA ASP C 101 5.44 9.20 1.25
C ASP C 101 5.87 10.15 0.12
N ARG C 102 5.00 10.30 -0.87
CA ARG C 102 5.26 11.17 -2.03
C ARG C 102 3.97 11.41 -2.78
N GLY C 103 3.83 12.60 -3.38
CA GLY C 103 2.77 12.86 -4.33
C GLY C 103 1.60 13.70 -3.85
N PHE C 104 1.48 13.91 -2.55
CA PHE C 104 0.37 14.70 -1.98
C PHE C 104 0.80 15.83 -1.05
N ASP C 105 0.23 17.01 -1.28
CA ASP C 105 0.45 18.17 -0.44
C ASP C 105 -0.81 18.60 0.31
N HIS C 106 -0.61 19.13 1.51
CA HIS C 106 -1.71 19.66 2.29
C HIS C 106 -1.72 21.16 1.99
N ILE C 107 -2.69 21.59 1.18
CA ILE C 107 -2.79 22.98 0.76
C ILE C 107 -4.18 23.49 1.12
N ASP C 108 -4.22 24.55 1.93
CA ASP C 108 -5.48 25.13 2.45
C ASP C 108 -6.53 24.06 2.78
N GLU C 109 -6.18 23.21 3.74
CA GLU C 109 -7.05 22.17 4.26
C GLU C 109 -7.54 21.14 3.24
N GLU C 110 -6.96 21.12 2.05
CA GLU C 110 -7.20 20.02 1.12
C GLU C 110 -5.92 19.21 0.92
N TRP C 111 -6.06 17.95 0.54
CA TRP C 111 -4.90 17.14 0.18
C TRP C 111 -4.89 17.05 -1.34
N VAL C 112 -3.79 17.48 -1.96
CA VAL C 112 -3.75 17.72 -3.38
C VAL C 112 -2.65 16.92 -4.05
N GLY C 113 -3.03 16.16 -5.07
CA GLY C 113 -2.07 15.45 -5.89
C GLY C 113 -2.14 15.95 -7.31
N TYR C 114 -1.18 15.51 -8.13
CA TYR C 114 -1.10 15.86 -9.54
C TYR C 114 -1.20 14.62 -10.41
N LYS C 115 -2.09 14.65 -11.38
CA LYS C 115 -2.30 13.54 -12.29
C LYS C 115 -1.01 13.06 -12.93
N ARG C 116 -0.16 14.01 -13.37
CA ARG C 116 1.06 13.68 -14.10
C ARG C 116 2.19 13.11 -13.26
N ASN C 117 2.05 13.14 -11.95
CA ASN C 117 3.19 12.90 -11.06
C ASN C 117 3.02 11.64 -10.25
N TYR C 118 4.15 11.10 -9.79
CA TYR C 118 4.17 9.89 -8.97
C TYR C 118 3.69 10.13 -7.56
N PHE C 119 2.99 9.14 -7.03
CA PHE C 119 2.84 8.99 -5.62
C PHE C 119 3.39 7.65 -5.15
N THR C 120 3.71 7.62 -3.86
CA THR C 120 4.17 6.42 -3.16
C THR C 120 3.21 6.14 -2.01
N LEU C 121 2.74 4.90 -1.92
CA LEU C 121 1.89 4.44 -0.83
C LEU C 121 2.53 3.16 -0.33
N VAL C 122 2.90 3.16 0.94
CA VAL C 122 3.45 2.00 1.63
C VAL C 122 2.51 1.49 2.71
N SER C 123 2.55 0.18 2.97
CA SER C 123 1.80 -0.37 4.07
C SER C 123 2.42 -1.65 4.59
N THR C 124 2.32 -1.83 5.90
CA THR C 124 2.48 -3.12 6.54
C THR C 124 1.18 -3.44 7.25
N PHE C 125 1.18 -4.57 7.95
CA PHE C 125 0.15 -4.81 8.94
C PHE C 125 0.80 -5.37 10.19
N GLU C 126 0.09 -5.27 11.29
CA GLU C 126 0.56 -5.84 12.54
C GLU C 126 -0.52 -6.68 13.20
N THR C 127 -0.04 -7.61 14.03
CA THR C 127 -0.87 -8.51 14.78
C THR C 127 -0.51 -8.29 16.24
N ALA C 128 -1.33 -7.51 16.91
CA ALA C 128 -1.04 -6.99 18.25
C ALA C 128 -0.80 -8.09 19.27
N ASN C 129 -1.49 -9.21 19.10
CA ASN C 129 -1.46 -10.32 20.06
C ASN C 129 -0.65 -11.56 19.63
N CYS C 130 0.23 -11.40 18.65
CA CYS C 130 1.03 -12.50 18.12
C CYS C 130 2.37 -12.01 17.59
N ASP C 131 3.47 -12.52 18.13
CA ASP C 131 4.77 -12.09 17.64
C ASP C 131 5.04 -12.81 16.33
N LEU C 132 5.83 -12.21 15.46
CA LEU C 132 6.05 -12.75 14.10
C LEU C 132 6.53 -14.19 14.05
N ASP C 133 7.50 -14.51 14.89
CA ASP C 133 8.09 -15.84 14.85
C ASP C 133 7.03 -16.92 15.18
N THR C 134 6.16 -16.65 16.15
CA THR C 134 5.08 -17.57 16.48
C THR C 134 4.01 -17.65 15.38
N PHE C 135 3.59 -16.48 14.92
CA PHE C 135 2.65 -16.31 13.81
C PHE C 135 3.00 -17.18 12.60
N LEU C 136 4.27 -17.16 12.19
CA LEU C 136 4.67 -17.91 10.99
C LEU C 136 4.62 -19.43 11.19
N LYS C 137 4.72 -19.88 12.43
CA LYS C 137 4.69 -21.32 12.75
C LYS C 137 3.29 -21.85 12.96
N SER C 138 2.34 -20.93 13.15
CA SER C 138 0.95 -21.27 13.43
C SER C 138 0.15 -21.45 12.15
N SER C 139 -1.12 -21.77 12.29
CA SER C 139 -2.04 -21.80 11.16
C SER C 139 -3.31 -21.11 11.60
N PHE C 140 -4.02 -20.53 10.64
CA PHE C 140 -5.15 -19.64 10.91
C PHE C 140 -6.32 -19.94 10.00
N ASP C 141 -7.53 -19.80 10.53
CA ASP C 141 -8.75 -20.00 9.79
C ASP C 141 -9.60 -18.73 9.81
N LEU C 142 -10.37 -18.56 8.74
CA LEU C 142 -11.44 -17.58 8.69
C LEU C 142 -12.66 -18.13 9.39
N LEU C 143 -13.31 -17.30 10.20
CA LEU C 143 -14.59 -17.65 10.81
C LEU C 143 -15.68 -17.01 9.98
N VAL C 144 -16.33 -17.78 9.12
CA VAL C 144 -17.38 -17.22 8.25
C VAL C 144 -18.78 -17.46 8.81
N GLY C 151 -17.74 -23.69 9.41
CA GLY C 151 -17.56 -22.54 8.54
C GLY C 151 -16.15 -21.98 8.66
N ARG C 152 -15.15 -22.84 8.51
CA ARG C 152 -13.75 -22.43 8.64
C ARG C 152 -12.94 -22.66 7.36
N LEU C 153 -12.41 -21.58 6.80
CA LEU C 153 -11.57 -21.66 5.63
C LEU C 153 -10.14 -21.44 6.09
N ARG C 154 -9.23 -22.32 5.69
CA ARG C 154 -7.83 -22.16 6.06
C ARG C 154 -7.18 -20.99 5.30
N VAL C 155 -6.55 -20.09 6.05
CA VAL C 155 -5.77 -19.04 5.41
C VAL C 155 -4.46 -19.58 4.83
N GLN C 156 -4.25 -19.34 3.53
CA GLN C 156 -2.98 -19.69 2.90
C GLN C 156 -1.93 -18.63 3.18
N TYR C 157 -2.33 -17.37 3.04
CA TYR C 157 -1.44 -16.26 3.29
C TYR C 157 -2.22 -14.95 3.39
N PHE C 158 -1.59 -13.97 4.01
CA PHE C 158 -2.11 -12.61 4.11
C PHE C 158 -1.53 -11.74 3.02
N ALA C 159 -2.33 -10.77 2.56
CA ALA C 159 -1.90 -9.90 1.48
C ALA C 159 -2.57 -8.55 1.53
N ILE C 160 -1.93 -7.58 0.91
CA ILE C 160 -2.53 -6.25 0.78
C ILE C 160 -2.82 -5.95 -0.69
N LYS C 161 -3.92 -5.24 -0.93
CA LYS C 161 -4.10 -4.57 -2.22
C LYS C 161 -4.49 -3.12 -1.99
N ILE C 162 -4.28 -2.30 -3.00
CA ILE C 162 -4.71 -0.91 -2.96
C ILE C 162 -5.73 -0.64 -4.06
N LYS C 163 -6.57 0.34 -3.82
CA LYS C 163 -7.54 0.78 -4.81
C LYS C 163 -7.66 2.28 -4.70
N ALA C 164 -8.07 2.90 -5.80
CA ALA C 164 -8.52 4.29 -5.81
C ALA C 164 -10.04 4.30 -6.07
N LYS C 165 -10.73 5.23 -5.42
CA LYS C 165 -12.17 5.40 -5.55
C LYS C 165 -12.55 6.84 -5.68
N ASN C 166 -13.71 7.07 -6.31
CA ASN C 166 -14.39 8.34 -6.23
C ASN C 166 -15.03 8.32 -4.85
N ASP C 167 -14.61 9.24 -3.99
CA ASP C 167 -15.02 9.22 -2.59
C ASP C 167 -16.49 9.59 -2.44
N ASP C 168 -17.07 10.24 -3.44
CA ASP C 168 -18.48 10.67 -3.36
C ASP C 168 -19.47 9.56 -3.76
N ASP C 169 -19.06 8.64 -4.61
CA ASP C 169 -20.00 7.61 -5.08
C ASP C 169 -19.50 6.18 -5.07
N ASP C 170 -18.29 5.97 -4.55
CA ASP C 170 -17.68 4.66 -4.41
C ASP C 170 -17.27 3.97 -5.72
N THR C 171 -17.33 4.68 -6.83
CA THR C 171 -16.86 4.13 -8.11
C THR C 171 -15.36 3.89 -8.06
N GLU C 172 -14.88 2.76 -8.54
CA GLU C 172 -13.44 2.50 -8.52
C GLU C 172 -12.79 3.19 -9.72
N ILE C 173 -11.58 3.69 -9.47
CA ILE C 173 -10.76 4.44 -10.43
C ILE C 173 -9.46 3.66 -10.64
N ASN C 174 -9.07 3.50 -11.90
CA ASN C 174 -7.89 2.73 -12.24
C ASN C 174 -6.61 3.45 -11.78
N LEU C 175 -5.68 2.67 -11.23
CA LEU C 175 -4.33 3.15 -10.92
C LEU C 175 -3.36 2.47 -11.87
N VAL C 176 -2.25 3.16 -12.15
CA VAL C 176 -1.22 2.60 -12.99
C VAL C 176 0.11 2.81 -12.26
N GLN C 177 1.06 1.92 -12.52
CA GLN C 177 2.42 2.08 -12.02
C GLN C 177 3.40 1.99 -13.15
N HIS C 178 4.54 2.66 -13.01
CA HIS C 178 5.64 2.49 -13.93
C HIS C 178 6.83 1.93 -13.16
N THR C 179 7.81 1.44 -13.92
CA THR C 179 9.14 1.25 -13.40
C THR C 179 9.89 2.58 -13.45
N ALA C 180 11.07 2.62 -12.85
CA ALA C 180 11.95 3.79 -12.95
C ALA C 180 12.19 4.25 -14.40
N LYS C 181 12.16 3.32 -15.34
CA LYS C 181 12.37 3.66 -16.74
C LYS C 181 11.16 4.36 -17.36
N ARG C 182 10.03 4.35 -16.66
CA ARG C 182 8.82 5.08 -17.07
C ARG C 182 8.40 4.68 -18.50
N ASP C 183 8.42 5.60 -19.45
CA ASP C 183 8.00 5.32 -20.84
C ASP C 183 8.89 4.29 -21.55
N LYS C 184 10.12 4.10 -21.07
CA LYS C 184 11.03 3.13 -21.65
C LYS C 184 10.95 1.78 -20.95
N GLY C 185 9.91 1.58 -20.15
CA GLY C 185 9.63 0.31 -19.51
C GLY C 185 8.13 0.05 -19.52
N PRO C 186 7.72 -1.07 -18.91
CA PRO C 186 6.30 -1.44 -18.89
C PRO C 186 5.44 -0.63 -17.93
N GLN C 187 4.14 -0.59 -18.19
CA GLN C 187 3.14 -0.07 -17.26
C GLN C 187 2.35 -1.23 -16.73
N PHE C 188 1.96 -1.17 -15.46
CA PHE C 188 1.20 -2.24 -14.85
C PHE C 188 0.23 -1.70 -13.82
N CYS C 189 -0.78 -2.48 -13.44
CA CYS C 189 -1.60 -2.00 -12.32
C CYS C 189 -1.06 -2.56 -11.03
N PRO C 190 -1.32 -1.88 -9.93
CA PRO C 190 -0.89 -2.40 -8.63
C PRO C 190 -1.34 -3.84 -8.44
N SER C 191 -0.45 -4.64 -7.90
CA SER C 191 -0.74 -6.04 -7.67
C SER C 191 -1.01 -6.32 -6.20
N VAL C 192 -1.60 -7.47 -5.96
CA VAL C 192 -1.83 -7.94 -4.60
C VAL C 192 -0.46 -8.35 -4.09
N CYS C 193 -0.13 -7.98 -2.87
CA CYS C 193 1.19 -8.17 -2.31
C CYS C 193 1.10 -9.06 -1.09
N PRO C 194 1.53 -10.31 -1.19
CA PRO C 194 1.64 -11.17 0.00
C PRO C 194 2.56 -10.48 1.00
N LEU C 195 2.19 -10.47 2.26
CA LEU C 195 3.00 -9.87 3.30
C LEU C 195 2.94 -10.63 4.61
N VAL C 196 4.01 -10.51 5.39
CA VAL C 196 4.01 -10.90 6.78
C VAL C 196 4.07 -9.66 7.64
N PRO C 197 3.55 -9.74 8.86
CA PRO C 197 3.50 -8.55 9.73
C PRO C 197 4.86 -7.95 10.04
N SER C 198 4.89 -6.62 10.10
CA SER C 198 6.12 -5.89 10.27
C SER C 198 5.79 -4.47 10.68
N PRO C 199 6.67 -3.81 11.44
CA PRO C 199 6.52 -2.38 11.64
C PRO C 199 6.72 -1.65 10.31
N LEU C 200 6.05 -0.52 10.17
CA LEU C 200 6.19 0.33 8.98
C LEU C 200 7.50 1.10 9.06
N PRO C 201 8.34 0.98 8.05
CA PRO C 201 9.57 1.78 8.03
C PRO C 201 9.30 3.28 8.11
N LYS C 202 10.23 3.98 8.73
CA LYS C 202 10.18 5.44 8.81
C LYS C 202 10.17 6.06 7.42
N HIS C 203 9.60 7.25 7.32
CA HIS C 203 9.62 8.01 6.09
C HIS C 203 11.03 8.09 5.49
N GLN C 204 12.03 8.38 6.31
CA GLN C 204 13.42 8.48 5.80
C GLN C 204 13.88 7.19 5.15
N THR C 205 13.46 6.06 5.68
CA THR C 205 13.88 4.78 5.13
C THR C 205 13.28 4.53 3.75
N ILE C 206 12.01 4.87 3.58
CA ILE C 206 11.37 4.76 2.27
C ILE C 206 12.09 5.68 1.28
N ARG C 207 12.37 6.91 1.68
CA ARG C 207 13.17 7.82 0.84
C ARG C 207 14.46 7.19 0.36
N GLU C 208 15.20 6.67 1.33
CA GLU C 208 16.55 6.16 1.09
C GLU C 208 16.56 4.94 0.20
N ALA C 209 15.48 4.18 0.24
CA ALA C 209 15.36 2.95 -0.51
C ALA C 209 14.69 3.10 -1.88
N SER C 210 14.35 4.34 -2.27
CA SER C 210 13.47 4.56 -3.43
C SER C 210 14.10 4.28 -4.80
N ASN C 211 15.41 4.44 -4.90
CA ASN C 211 16.11 4.24 -6.16
C ASN C 211 17.48 3.61 -5.97
N VAL C 212 17.51 2.49 -5.26
CA VAL C 212 18.75 1.76 -4.99
C VAL C 212 19.04 0.71 -6.06
N ARG C 213 20.27 0.71 -6.56
CA ARG C 213 20.76 -0.28 -7.51
C ARG C 213 21.98 -1.02 -6.96
N ASN C 214 22.89 -0.26 -6.35
CA ASN C 214 24.12 -0.79 -5.77
C ASN C 214 23.87 -2.00 -4.86
N ILE C 215 24.57 -3.08 -5.12
CA ILE C 215 24.34 -4.34 -4.42
C ILE C 215 24.59 -4.22 -2.91
N THR C 216 25.63 -3.48 -2.53
CA THR C 216 25.96 -3.34 -1.12
C THR C 216 24.83 -2.67 -0.35
N LYS C 217 24.26 -1.61 -0.92
CA LYS C 217 23.15 -0.89 -0.32
C LYS C 217 21.89 -1.75 -0.33
N MET C 218 21.69 -2.51 -1.40
CA MET C 218 20.55 -3.44 -1.45
C MET C 218 20.58 -4.42 -0.30
N LYS C 219 21.77 -4.93 0.01
CA LYS C 219 21.93 -5.89 1.08
C LYS C 219 21.58 -5.27 2.42
N LYS C 220 21.94 -4.01 2.61
CA LYS C 220 21.66 -3.36 3.88
C LYS C 220 20.15 -3.13 4.14
N TYR C 221 19.36 -2.99 3.08
CA TYR C 221 17.91 -2.76 3.22
C TYR C 221 17.10 -4.05 3.09
N ASP C 222 17.75 -5.14 2.71
CA ASP C 222 17.07 -6.38 2.44
C ASP C 222 16.19 -6.86 3.57
N SER C 223 16.71 -6.88 4.79
CA SER C 223 15.97 -7.41 5.94
C SER C 223 14.80 -6.50 6.34
N THR C 224 14.84 -5.25 5.90
CA THR C 224 13.73 -4.36 6.16
C THR C 224 12.53 -4.70 5.30
N PHE C 225 12.77 -5.11 4.06
CA PHE C 225 11.70 -5.28 3.09
C PHE C 225 11.30 -6.71 2.75
N TYR C 226 12.14 -7.67 3.06
CA TYR C 226 11.90 -9.06 2.67
C TYR C 226 12.19 -10.04 3.78
N LEU C 227 11.42 -11.13 3.77
CA LEU C 227 11.75 -12.35 4.48
C LEU C 227 12.02 -13.41 3.43
N HIS C 228 13.17 -14.07 3.51
CA HIS C 228 13.53 -15.12 2.55
C HIS C 228 13.28 -16.45 3.21
N ARG C 229 12.14 -17.05 2.89
CA ARG C 229 11.73 -18.31 3.50
C ARG C 229 12.74 -19.42 3.24
N ASP C 230 13.38 -19.39 2.07
CA ASP C 230 14.41 -20.36 1.77
C ASP C 230 15.64 -20.30 2.70
N HIS C 231 15.73 -19.28 3.55
CA HIS C 231 16.81 -19.18 4.51
C HIS C 231 16.47 -19.59 5.93
N VAL C 232 15.22 -19.94 6.20
CA VAL C 232 14.86 -20.40 7.55
C VAL C 232 15.28 -21.86 7.71
N ASN C 233 15.34 -22.32 8.96
CA ASN C 233 15.51 -23.73 9.24
C ASN C 233 14.18 -24.44 9.07
N TYR C 234 14.05 -25.19 7.98
CA TYR C 234 12.79 -25.86 7.64
C TYR C 234 12.34 -26.84 8.73
N GLU C 235 13.30 -27.38 9.46
CA GLU C 235 12.98 -28.35 10.51
C GLU C 235 12.18 -27.78 11.66
N GLU C 236 12.21 -26.46 11.82
CA GLU C 236 11.44 -25.80 12.85
C GLU C 236 9.98 -25.64 12.52
N TYR C 237 9.56 -26.00 11.30
CA TYR C 237 8.20 -25.69 10.82
C TYR C 237 7.42 -26.94 10.44
N GLY C 238 6.14 -26.96 10.81
CA GLY C 238 5.24 -28.01 10.35
C GLY C 238 4.77 -27.72 8.95
N VAL C 239 4.40 -28.78 8.24
CA VAL C 239 3.93 -28.72 6.87
C VAL C 239 2.76 -27.78 6.73
N ASP C 240 1.98 -27.68 7.79
CA ASP C 240 0.76 -26.89 7.78
C ASP C 240 1.00 -25.41 8.18
N SER C 241 2.24 -25.03 8.48
CA SER C 241 2.51 -23.70 9.02
C SER C 241 2.21 -22.64 7.98
N LEU C 242 1.78 -21.50 8.47
CA LEU C 242 1.45 -20.38 7.61
C LEU C 242 2.61 -20.00 6.69
N LEU C 243 3.85 -19.97 7.21
CA LEU C 243 4.97 -19.53 6.41
C LEU C 243 5.06 -20.34 5.12
N PHE C 244 4.80 -21.65 5.22
CA PHE C 244 4.95 -22.53 4.07
C PHE C 244 3.76 -22.64 3.13
N SER C 245 2.73 -21.87 3.38
CA SER C 245 1.64 -21.70 2.43
C SER C 245 1.69 -20.35 1.67
N TYR C 246 2.67 -19.50 1.97
CA TYR C 246 2.95 -18.33 1.15
C TYR C 246 3.36 -18.83 -0.25
N PRO C 247 3.02 -18.07 -1.29
CA PRO C 247 3.22 -18.54 -2.67
C PRO C 247 4.66 -18.60 -3.15
N GLU C 248 5.53 -17.72 -2.65
CA GLU C 248 6.92 -17.66 -3.10
C GLU C 248 7.84 -17.57 -1.89
N ASP C 249 9.10 -17.96 -2.10
CA ASP C 249 10.10 -17.93 -1.05
C ASP C 249 10.41 -16.51 -0.60
N SER C 250 10.45 -15.55 -1.54
CA SER C 250 10.71 -14.16 -1.19
C SER C 250 9.39 -13.51 -0.81
N ILE C 251 9.27 -13.14 0.47
CA ILE C 251 8.02 -12.62 1.03
C ILE C 251 8.26 -11.23 1.51
N GLN C 252 7.46 -10.30 1.01
CA GLN C 252 7.62 -8.91 1.42
C GLN C 252 7.14 -8.71 2.87
N LYS C 253 7.87 -7.87 3.59
CA LYS C 253 7.47 -7.38 4.90
C LYS C 253 6.73 -6.06 4.79
N VAL C 254 6.89 -5.41 3.65
CA VAL C 254 6.30 -4.10 3.41
C VAL C 254 5.78 -4.05 1.99
N ALA C 255 4.54 -3.61 1.81
CA ALA C 255 3.97 -3.40 0.49
C ALA C 255 4.36 -2.00 0.06
N ARG C 256 5.13 -1.87 -1.01
CA ARG C 256 5.61 -0.57 -1.43
C ARG C 256 5.11 -0.35 -2.82
N TYR C 257 4.17 0.58 -2.96
CA TYR C 257 3.65 0.95 -4.26
C TYR C 257 4.24 2.30 -4.60
N GLU C 258 5.25 2.27 -5.45
CA GLU C 258 5.97 3.45 -5.86
C GLU C 258 5.69 3.73 -7.34
N ARG C 259 5.85 4.98 -7.75
CA ARG C 259 5.66 5.42 -9.13
C ARG C 259 4.22 5.14 -9.58
N VAL C 260 3.29 5.39 -8.66
CA VAL C 260 1.87 5.18 -8.89
C VAL C 260 1.26 6.47 -9.40
N GLN C 261 0.32 6.33 -10.33
CA GLN C 261 -0.49 7.44 -10.81
C GLN C 261 -1.95 7.00 -10.98
N PHE C 262 -2.86 7.97 -10.87
CA PHE C 262 -4.20 7.76 -11.37
C PHE C 262 -4.13 7.62 -12.88
N ALA C 263 -5.00 6.78 -13.42
CA ALA C 263 -5.00 6.48 -14.85
C ALA C 263 -5.13 7.78 -15.61
N SER C 264 -4.54 7.84 -16.79
CA SER C 264 -4.40 9.10 -17.51
C SER C 264 -5.76 9.60 -18.01
N SER C 265 -6.74 8.72 -18.01
CA SER C 265 -8.04 9.02 -18.53
C SER C 265 -9.01 9.56 -17.47
N ILE C 266 -8.54 9.72 -16.23
CA ILE C 266 -9.46 10.11 -15.17
C ILE C 266 -9.89 11.57 -15.38
N SER C 267 -11.17 11.83 -15.15
CA SER C 267 -11.68 13.19 -15.16
C SER C 267 -11.53 13.70 -13.74
N VAL C 268 -10.89 14.85 -13.56
CA VAL C 268 -10.60 15.37 -12.22
C VAL C 268 -11.61 16.41 -11.71
N LYS C 269 -12.46 16.88 -12.59
CA LYS C 269 -13.49 17.85 -12.26
C LYS C 269 -14.85 17.23 -12.49
N LYS C 270 -15.82 17.61 -11.66
CA LYS C 270 -17.22 17.31 -11.92
C LYS C 270 -17.77 18.22 -13.02
N PRO C 271 -18.91 17.89 -13.61
CA PRO C 271 -19.56 18.79 -14.57
C PRO C 271 -19.77 20.22 -14.07
N SER C 272 -20.00 20.40 -12.79
CA SER C 272 -20.17 21.72 -12.22
C SER C 272 -18.84 22.53 -12.19
N GLN C 273 -17.75 21.88 -12.56
CA GLN C 273 -16.35 22.37 -12.45
C GLN C 273 -15.78 22.31 -11.01
N GLN C 274 -16.57 21.86 -10.05
CA GLN C 274 -16.05 21.52 -8.73
C GLN C 274 -15.07 20.37 -8.87
N ASN C 275 -14.08 20.32 -7.99
CA ASN C 275 -13.15 19.20 -8.02
C ASN C 275 -13.84 17.90 -7.62
N LYS C 276 -13.50 16.81 -8.31
CA LYS C 276 -13.90 15.51 -7.81
C LYS C 276 -13.11 15.19 -6.56
N HIS C 277 -13.66 14.36 -5.68
CA HIS C 277 -12.96 13.91 -4.49
C HIS C 277 -12.65 12.44 -4.66
N PHE C 278 -11.38 12.13 -4.59
CA PHE C 278 -10.90 10.76 -4.66
C PHE C 278 -10.44 10.28 -3.29
N SER C 279 -10.23 8.97 -3.17
CA SER C 279 -9.70 8.40 -1.94
C SER C 279 -8.87 7.16 -2.28
N LEU C 280 -7.75 6.99 -1.59
CA LEU C 280 -6.93 5.80 -1.74
C LEU C 280 -7.24 4.83 -0.60
N HIS C 281 -7.48 3.57 -0.97
CA HIS C 281 -7.88 2.52 -0.05
C HIS C 281 -6.78 1.44 0.02
N VAL C 282 -6.57 0.94 1.23
CA VAL C 282 -5.67 -0.17 1.50
C VAL C 282 -6.50 -1.27 2.12
N ILE C 283 -6.45 -2.48 1.56
CA ILE C 283 -7.26 -3.57 2.02
C ILE C 283 -6.34 -4.72 2.40
N LEU C 284 -6.51 -5.23 3.61
CA LEU C 284 -5.79 -6.42 4.07
C LEU C 284 -6.74 -7.60 3.87
N GLY C 285 -6.24 -8.64 3.21
CA GLY C 285 -7.01 -9.83 2.91
C GLY C 285 -6.31 -11.12 3.30
N ALA C 286 -7.10 -12.18 3.42
CA ALA C 286 -6.57 -13.54 3.55
C ALA C 286 -6.84 -14.25 2.26
N VAL C 287 -5.83 -14.89 1.70
CA VAL C 287 -6.03 -15.67 0.48
C VAL C 287 -6.34 -17.10 0.87
N VAL C 288 -7.45 -17.62 0.32
CA VAL C 288 -7.88 -18.98 0.61
C VAL C 288 -8.20 -19.75 -0.68
N ASP C 289 -8.21 -21.06 -0.55
CA ASP C 289 -8.64 -21.95 -1.63
C ASP C 289 -10.17 -21.96 -1.71
N PRO C 290 -10.74 -21.57 -2.86
CA PRO C 290 -12.20 -21.49 -2.98
C PRO C 290 -12.91 -22.84 -3.10
N ASP C 291 -12.21 -23.96 -2.87
CA ASP C 291 -12.81 -25.29 -2.95
C ASP C 291 -13.91 -25.48 -1.91
N GLY C 299 -20.59 -15.78 1.34
CA GLY C 299 -21.45 -14.60 1.31
C GLY C 299 -20.84 -13.37 1.97
N ILE C 300 -19.50 -13.34 2.02
CA ILE C 300 -18.78 -12.20 2.61
C ILE C 300 -17.84 -11.57 1.58
N PRO C 301 -17.41 -10.33 1.81
CA PRO C 301 -16.64 -9.60 0.80
C PRO C 301 -15.30 -10.23 0.44
N TYR C 302 -15.08 -10.36 -0.86
CA TYR C 302 -13.86 -10.96 -1.39
C TYR C 302 -13.67 -10.58 -2.85
N ASP C 303 -12.42 -10.58 -3.30
CA ASP C 303 -12.12 -10.49 -4.72
C ASP C 303 -11.54 -11.81 -5.20
N GLU C 304 -11.79 -12.18 -6.45
CA GLU C 304 -11.09 -13.31 -7.03
C GLU C 304 -9.63 -12.96 -7.28
N LEU C 305 -8.78 -13.97 -7.26
CA LEU C 305 -7.34 -13.80 -7.38
C LEU C 305 -6.73 -14.92 -8.22
N ALA C 306 -5.94 -14.55 -9.23
CA ALA C 306 -5.21 -15.53 -10.04
C ALA C 306 -4.18 -16.20 -9.13
N LEU C 307 -4.46 -17.45 -8.73
CA LEU C 307 -3.67 -18.13 -7.71
C LEU C 307 -2.32 -18.64 -8.24
N LYS C 308 -1.48 -19.14 -7.33
CA LYS C 308 -0.15 -19.66 -7.66
C LYS C 308 -0.23 -20.88 -8.58
N ASN C 309 -0.99 -21.88 -8.16
CA ASN C 309 -1.18 -23.10 -8.94
C ASN C 309 -2.08 -22.94 -10.17
N GLY C 310 -2.48 -21.70 -10.49
CA GLY C 310 -3.26 -21.38 -11.67
C GLY C 310 -4.76 -21.32 -11.46
N SER C 311 -5.24 -22.10 -10.48
CA SER C 311 -6.68 -22.22 -10.19
C SER C 311 -7.27 -20.96 -9.56
N LYS C 312 -8.60 -20.99 -9.35
CA LYS C 312 -9.31 -19.86 -8.75
C LYS C 312 -8.92 -19.77 -7.27
N GLY C 313 -8.69 -18.53 -6.83
CA GLY C 313 -8.35 -18.23 -5.45
C GLY C 313 -9.29 -17.15 -4.96
N MET C 314 -9.27 -16.90 -3.65
CA MET C 314 -10.19 -15.94 -3.07
C MET C 314 -9.41 -15.03 -2.12
N PHE C 315 -9.39 -13.74 -2.39
CA PHE C 315 -8.82 -12.74 -1.49
C PHE C 315 -9.97 -12.24 -0.61
N VAL C 316 -10.07 -12.79 0.60
CA VAL C 316 -11.17 -12.48 1.48
C VAL C 316 -10.82 -11.26 2.32
N TYR C 317 -11.67 -10.23 2.29
CA TYR C 317 -11.35 -8.99 3.00
C TYR C 317 -11.33 -9.19 4.52
N LEU C 318 -10.33 -8.61 5.19
CA LEU C 318 -10.20 -8.62 6.64
C LEU C 318 -10.33 -7.23 7.24
N GLN C 319 -9.70 -6.25 6.62
CA GLN C 319 -9.77 -4.88 7.08
C GLN C 319 -9.50 -3.94 5.93
N GLU C 320 -10.05 -2.76 5.99
CA GLU C 320 -9.89 -1.74 4.96
C GLU C 320 -9.73 -0.36 5.61
N MET C 321 -8.77 0.43 5.12
CA MET C 321 -8.59 1.82 5.53
C MET C 321 -8.59 2.71 4.28
N LYS C 322 -8.88 4.00 4.45
CA LYS C 322 -8.85 4.92 3.32
C LYS C 322 -8.37 6.29 3.74
N THR C 323 -8.00 7.11 2.76
CA THR C 323 -7.64 8.49 3.01
C THR C 323 -8.88 9.33 3.06
N PRO C 324 -8.78 10.50 3.66
CA PRO C 324 -9.80 11.53 3.48
C PRO C 324 -9.85 11.92 2.02
N PRO C 325 -10.80 12.77 1.68
CA PRO C 325 -10.90 13.20 0.28
C PRO C 325 -9.62 13.83 -0.27
N LEU C 326 -9.31 13.47 -1.50
CA LEU C 326 -8.17 13.97 -2.27
C LEU C 326 -8.63 14.71 -3.51
N ILE C 327 -7.99 15.84 -3.80
CA ILE C 327 -8.13 16.58 -5.04
C ILE C 327 -6.99 16.19 -5.95
N ILE C 328 -7.28 15.94 -7.21
CA ILE C 328 -6.22 15.69 -8.19
C ILE C 328 -6.23 16.78 -9.27
N ARG C 329 -5.09 17.43 -9.43
CA ARG C 329 -4.94 18.46 -10.44
C ARG C 329 -4.51 17.84 -11.76
N GLY C 330 -5.23 18.22 -12.80
CA GLY C 330 -4.99 17.72 -14.13
C GLY C 330 -3.89 18.46 -14.88
N ARG C 331 -3.83 18.21 -16.18
CA ARG C 331 -2.74 18.65 -17.03
C ARG C 331 -2.85 20.11 -17.47
N SER C 332 -3.96 20.75 -17.10
CA SER C 332 -4.17 22.15 -17.47
C SER C 332 -2.94 23.01 -17.15
N PRO C 333 -2.61 23.94 -18.04
CA PRO C 333 -1.50 24.87 -17.81
C PRO C 333 -1.65 25.66 -16.53
N SER C 334 -2.88 26.01 -16.19
CA SER C 334 -3.17 26.79 -14.99
C SER C 334 -2.86 26.07 -13.67
N ASN C 335 -2.55 24.78 -13.73
CA ASN C 335 -2.10 24.04 -12.55
C ASN C 335 -0.59 24.12 -12.32
N TYR C 336 0.10 24.90 -13.14
CA TYR C 336 1.55 24.96 -13.08
C TYR C 336 2.06 26.40 -13.02
N ALA C 337 3.12 26.57 -12.24
CA ALA C 337 3.73 27.88 -12.02
C ALA C 337 4.28 28.49 -13.30
N SER C 338 4.52 27.65 -14.31
CA SER C 338 5.03 28.13 -15.60
C SER C 338 4.01 29.05 -16.27
N SER C 339 2.74 28.84 -15.99
CA SER C 339 1.67 29.67 -16.57
C SER C 339 1.68 31.12 -16.07
N GLN C 340 2.36 31.38 -14.95
CA GLN C 340 2.35 32.71 -14.32
C GLN C 340 3.53 33.60 -14.76
#